data_7EZ2
#
_entry.id   7EZ2
#
_cell.length_a   1.00
_cell.length_b   1.00
_cell.length_c   1.00
_cell.angle_alpha   90.00
_cell.angle_beta   90.00
_cell.angle_gamma   90.00
#
_symmetry.space_group_name_H-M   'P 1'
#
loop_
_entity.id
_entity.type
_entity.pdbx_description
1 polymer 'Holo L-16 ScaI Tetrahymena ribozyme S1'
2 polymer 'Holo L-16 ScaI Tetrahymena ribozyme S2'
3 polymer 'Holo L-16 ScaI Tetrahymena ribozyme'
4 non-polymer 'MAGNESIUM ION'
#
loop_
_entity_poly.entity_id
_entity_poly.type
_entity_poly.pdbx_seq_one_letter_code
_entity_poly.pdbx_strand_id
1 'polyribonucleotide' UCG(SSU)AACC A
2 'polyribonucleotide' CCCUCU B
3 'polyribonucleotide'
;GGUUUGGAGGGAAAAGUUAUCAGGCAUGCACCUGGUAGCUAGUCUUUAAACCAAUAGAUUGCAUCGGUUUAAAAGGCAAG
ACCGUCAAAUUGCGGGAAAGGGGUCAACAGCCGUUCAGUACCAAGUCUCAGGGGAAACUUUGAGAUGGCCUUGCAAAGGG
UAUGGUAAUAAGCUGACGGACAUGGUCCUAACCACGCAGCCAAGUCCUAAGUCAACAGAUCUUCUGUUGAUAUGGAUGCA
GUUCACAGACUAAAUGUCGGUCGGGGAAGAUGUAUUCUUCUCAUAAGAUAUAGUCGGACCUCUCCUUAAUGGGAGCUAGC
GGAUGAAGUGAUGCAACACUGGAGCCGCUGGGAACUAAUUUGUAUGCGAAAGUAUAUUGAUUAGUUUUGGAG
;
N
#